data_2MER
#
_entry.id   2MER
#
_entity_poly.entity_id   1
_entity_poly.type   'polyribonucleotide'
_entity_poly.pdbx_seq_one_letter_code
;GGCCG(PSU)AAC(PSU)A(PSU)AACGGUC
;
_entity_poly.pdbx_strand_id   A
#